data_6FO7
#
_entry.id   6FO7
#
_cell.length_a   66.250
_cell.length_b   66.250
_cell.length_c   262.900
_cell.angle_alpha   90.00
_cell.angle_beta   90.00
_cell.angle_gamma   120.00
#
_symmetry.space_group_name_H-M   'P 65 2 2'
#
loop_
_entity.id
_entity.type
_entity.pdbx_description
1 polymer 'Vitamin D3 receptor A'
2 polymer 'Nuclear receptor coactivator 1'
3 non-polymer (1~{R},3~{S},5~{Z})-4-methylidene-5-[(~{E})-3-[3-(6-methyl-6-oxidanyl-heptyl)phenyl]hept-2-enylidene]cyclohexane-1,3-diol
4 water water
#
loop_
_entity_poly.entity_id
_entity_poly.type
_entity_poly.pdbx_seq_one_letter_code
_entity_poly.pdbx_strand_id
1 'polypeptide(L)'
;HMLSDEQMQIINSLVEAHHKTYDDSYSDFVRFRPPVREGPVTRSASRAASLHSLSDASSDSFNHSPESVDTKLNFSNLLM
MYQDSGSPDSSEEDQQSRLSMLPHLADLVSYSIQKVIGFAKMIPGFRDLTAEDQIALLKSSAIEIIMLRSNQSFSLEDMS
WSCGGPDFKYCINDVTKAGHTLELLEPLVKFQVGLKKLKLHEEEHVLLMAICLLSPDRPGVQDHVRIEALQDRLCDVLQA
YIRIQHPGGRLLYAKMIQKLADLRSLNEEHSKQYRSLSFQPEHSMQLTPLVLEVFGSEVS
;
A
2 'polypeptide(L)' RHKILHRLLQEGSPS B
#
# COMPACT_ATOMS: atom_id res chain seq x y z
N HIS A 1 28.67 -0.93 15.12
CA HIS A 1 27.63 0.04 14.82
C HIS A 1 26.26 -0.32 15.43
N MET A 2 25.47 0.70 15.83
CA MET A 2 24.13 0.54 16.42
C MET A 2 23.23 1.76 16.19
N LEU A 3 21.89 1.53 16.23
CA LEU A 3 20.82 2.52 15.99
C LEU A 3 20.73 3.60 17.08
N SER A 4 20.56 4.87 16.63
CA SER A 4 20.38 6.01 17.53
C SER A 4 19.01 5.91 18.21
N ASP A 5 18.80 6.71 19.26
CA ASP A 5 17.53 6.76 20.00
C ASP A 5 16.39 7.18 19.10
N GLU A 6 16.62 8.25 18.29
CA GLU A 6 15.73 8.87 17.30
C GLU A 6 15.22 7.84 16.27
N GLN A 7 16.15 7.04 15.69
CA GLN A 7 15.87 5.98 14.71
C GLN A 7 15.01 4.88 15.34
N MET A 8 15.27 4.55 16.63
CA MET A 8 14.53 3.55 17.36
C MET A 8 13.07 4.00 17.58
N GLN A 9 12.88 5.30 17.89
CA GLN A 9 11.57 5.93 18.09
C GLN A 9 10.77 5.82 16.80
N ILE A 10 11.43 6.10 15.64
CA ILE A 10 10.85 6.01 14.29
C ILE A 10 10.30 4.59 14.03
N ILE A 11 11.09 3.55 14.37
CA ILE A 11 10.69 2.14 14.22
C ILE A 11 9.49 1.84 15.10
N ASN A 12 9.58 2.17 16.41
CA ASN A 12 8.49 1.93 17.37
C ASN A 12 7.18 2.58 16.95
N SER A 13 7.25 3.88 16.58
CA SER A 13 6.06 4.62 16.15
C SER A 13 5.46 4.04 14.88
N LEU A 14 6.30 3.55 13.94
CA LEU A 14 5.81 2.93 12.70
C LEU A 14 5.17 1.57 12.95
N VAL A 15 5.80 0.70 13.77
CA VAL A 15 5.27 -0.63 14.13
C VAL A 15 3.90 -0.48 14.82
N GLU A 16 3.78 0.48 15.74
CA GLU A 16 2.52 0.75 16.44
C GLU A 16 1.45 1.27 15.47
N ALA A 17 1.86 2.13 14.48
CA ALA A 17 0.99 2.66 13.42
C ALA A 17 0.46 1.53 12.60
N HIS A 18 1.33 0.59 12.18
CA HIS A 18 0.91 -0.60 11.43
C HIS A 18 -0.08 -1.45 12.24
N HIS A 19 0.25 -1.69 13.53
CA HIS A 19 -0.59 -2.49 14.41
C HIS A 19 -1.99 -1.94 14.58
N LYS A 20 -2.10 -0.60 14.61
CA LYS A 20 -3.38 0.09 14.75
C LYS A 20 -4.21 0.03 13.48
N THR A 21 -3.55 0.07 12.32
CA THR A 21 -4.23 0.10 11.01
C THR A 21 -4.33 -1.26 10.27
N TYR A 22 -3.76 -2.35 10.81
CA TYR A 22 -3.86 -3.66 10.15
C TYR A 22 -4.45 -4.66 11.12
N ASP A 23 -5.67 -5.14 10.82
CA ASP A 23 -6.38 -6.11 11.66
C ASP A 23 -6.12 -7.51 11.13
N ASP A 24 -5.29 -8.27 11.84
CA ASP A 24 -4.86 -9.62 11.50
C ASP A 24 -5.98 -10.68 11.54
N SER A 25 -7.20 -10.32 12.10
CA SER A 25 -8.36 -11.21 12.18
C SER A 25 -9.26 -11.10 10.93
N TYR A 26 -9.07 -10.01 10.15
CA TYR A 26 -9.85 -9.70 8.94
C TYR A 26 -11.37 -9.74 9.19
N SER A 27 -11.78 -9.44 10.44
CA SER A 27 -13.18 -9.52 10.90
C SER A 27 -14.13 -8.54 10.22
N ASP A 28 -13.63 -7.34 9.89
CA ASP A 28 -14.34 -6.26 9.21
C ASP A 28 -14.76 -6.61 7.75
N PHE A 29 -14.18 -7.69 7.18
CA PHE A 29 -14.44 -8.18 5.82
C PHE A 29 -15.86 -8.61 5.58
N VAL A 30 -16.57 -9.03 6.65
CA VAL A 30 -17.99 -9.44 6.55
C VAL A 30 -18.91 -8.24 6.34
N ARG A 31 -18.38 -7.01 6.45
CA ARG A 31 -19.16 -5.79 6.29
C ARG A 31 -19.10 -5.24 4.87
N PHE A 32 -18.28 -5.87 4.02
CA PHE A 32 -18.16 -5.48 2.62
C PHE A 32 -19.24 -6.20 1.84
N ARG A 33 -19.58 -5.70 0.63
CA ARG A 33 -20.50 -6.38 -0.28
C ARG A 33 -19.83 -7.74 -0.53
N PRO A 34 -20.57 -8.85 -0.45
CA PRO A 34 -19.92 -10.17 -0.49
C PRO A 34 -19.24 -10.59 -1.79
N PRO A 35 -18.23 -11.49 -1.69
CA PRO A 35 -17.58 -12.00 -2.91
C PRO A 35 -18.54 -12.84 -3.78
N VAL A 36 -18.56 -12.61 -5.11
CA VAL A 36 -19.41 -13.39 -6.01
C VAL A 36 -18.52 -14.02 -7.09
N ARG A 37 -18.48 -15.37 -7.15
CA ARG A 37 -17.63 -16.11 -8.07
C ARG A 37 -18.43 -17.15 -8.81
N ARG A 98 -20.08 -11.45 -15.00
CA ARG A 98 -19.33 -10.34 -15.60
C ARG A 98 -19.10 -9.25 -14.56
N LEU A 99 -17.86 -9.21 -14.03
CA LEU A 99 -17.30 -8.27 -13.02
C LEU A 99 -17.95 -8.45 -11.65
N SER A 100 -18.22 -9.72 -11.33
CA SER A 100 -18.84 -10.26 -10.12
C SER A 100 -18.08 -9.94 -8.81
N MET A 101 -16.74 -9.81 -8.88
CA MET A 101 -15.89 -9.50 -7.74
C MET A 101 -15.67 -8.00 -7.54
N LEU A 102 -16.11 -7.16 -8.52
CA LEU A 102 -15.97 -5.71 -8.44
C LEU A 102 -16.58 -5.12 -7.16
N PRO A 103 -17.82 -5.44 -6.74
CA PRO A 103 -18.31 -4.85 -5.47
C PRO A 103 -17.43 -5.20 -4.25
N HIS A 104 -17.11 -6.49 -4.03
CA HIS A 104 -16.28 -6.92 -2.91
C HIS A 104 -14.90 -6.30 -2.93
N LEU A 105 -14.28 -6.23 -4.10
CA LEU A 105 -12.94 -5.67 -4.17
C LEU A 105 -12.92 -4.16 -4.09
N ALA A 106 -13.97 -3.48 -4.60
CA ALA A 106 -14.09 -2.03 -4.47
C ALA A 106 -14.14 -1.71 -2.96
N ASP A 107 -14.93 -2.50 -2.22
CA ASP A 107 -15.10 -2.39 -0.77
C ASP A 107 -13.84 -2.71 -0.01
N LEU A 108 -13.12 -3.79 -0.41
CA LEU A 108 -11.88 -4.19 0.23
C LEU A 108 -10.83 -3.08 0.10
N VAL A 109 -10.67 -2.54 -1.14
CA VAL A 109 -9.73 -1.48 -1.48
C VAL A 109 -10.05 -0.20 -0.73
N SER A 110 -11.36 0.17 -0.68
CA SER A 110 -11.81 1.38 0.00
C SER A 110 -11.48 1.34 1.48
N TYR A 111 -11.75 0.17 2.11
CA TYR A 111 -11.45 -0.10 3.51
C TYR A 111 -9.93 0.08 3.69
N SER A 112 -9.10 -0.53 2.81
CA SER A 112 -7.63 -0.41 2.87
C SER A 112 -7.15 1.04 2.69
N ILE A 113 -7.82 1.86 1.81
CA ILE A 113 -7.42 3.26 1.60
C ILE A 113 -7.53 4.02 2.93
N GLN A 114 -8.56 3.70 3.73
CA GLN A 114 -8.79 4.29 5.06
C GLN A 114 -7.67 3.94 6.05
N LYS A 115 -7.15 2.73 5.92
CA LYS A 115 -6.12 2.20 6.77
C LYS A 115 -4.80 2.86 6.49
N VAL A 116 -4.46 3.02 5.19
CA VAL A 116 -3.26 3.66 4.65
C VAL A 116 -3.22 5.14 5.08
N ILE A 117 -4.40 5.81 5.12
CA ILE A 117 -4.56 7.21 5.58
C ILE A 117 -4.23 7.26 7.07
N GLY A 118 -4.82 6.32 7.85
CA GLY A 118 -4.61 6.16 9.29
C GLY A 118 -3.14 5.91 9.59
N PHE A 119 -2.49 5.05 8.79
CA PHE A 119 -1.06 4.74 8.93
C PHE A 119 -0.21 5.99 8.65
N ALA A 120 -0.39 6.61 7.47
CA ALA A 120 0.33 7.80 7.02
C ALA A 120 0.35 8.89 8.07
N LYS A 121 -0.80 9.12 8.74
CA LYS A 121 -0.97 10.12 9.80
C LYS A 121 -0.04 9.91 11.02
N MET A 122 0.45 8.67 11.20
CA MET A 122 1.35 8.30 12.29
C MET A 122 2.84 8.20 11.84
N ILE A 123 3.12 8.43 10.53
CA ILE A 123 4.50 8.45 10.04
C ILE A 123 5.07 9.78 10.54
N PRO A 124 6.12 9.77 11.39
CA PRO A 124 6.66 11.06 11.90
C PRO A 124 7.00 12.08 10.81
N GLY A 125 6.34 13.24 10.90
CA GLY A 125 6.53 14.36 9.99
C GLY A 125 5.51 14.51 8.88
N PHE A 126 4.69 13.47 8.63
CA PHE A 126 3.69 13.50 7.58
C PHE A 126 2.58 14.49 7.92
N ARG A 127 2.10 14.48 9.17
CA ARG A 127 1.03 15.38 9.61
C ARG A 127 1.44 16.85 9.51
N ASP A 128 2.74 17.14 9.68
CA ASP A 128 3.31 18.47 9.60
C ASP A 128 3.32 19.05 8.20
N LEU A 129 3.23 18.18 7.17
CA LEU A 129 3.17 18.60 5.76
C LEU A 129 1.86 19.35 5.43
N THR A 130 1.83 19.96 4.25
CA THR A 130 0.67 20.69 3.71
C THR A 130 -0.43 19.65 3.39
N ALA A 131 -1.70 19.98 3.70
CA ALA A 131 -2.85 19.11 3.41
C ALA A 131 -2.79 18.70 1.95
N GLU A 132 -2.40 19.65 1.08
CA GLU A 132 -2.24 19.46 -0.35
C GLU A 132 -1.17 18.41 -0.61
N ASP A 133 0.04 18.56 0.00
CA ASP A 133 1.16 17.62 -0.12
C ASP A 133 0.78 16.24 0.38
N GLN A 134 0.03 16.18 1.48
CA GLN A 134 -0.44 14.94 2.07
C GLN A 134 -1.35 14.22 1.09
N ILE A 135 -2.26 14.97 0.43
CA ILE A 135 -3.18 14.45 -0.59
C ILE A 135 -2.42 13.91 -1.80
N ALA A 136 -1.44 14.69 -2.34
CA ALA A 136 -0.62 14.34 -3.50
C ALA A 136 0.08 13.01 -3.31
N LEU A 137 0.71 12.84 -2.13
CA LEU A 137 1.44 11.64 -1.71
C LEU A 137 0.52 10.45 -1.57
N LEU A 138 -0.66 10.68 -0.96
CA LEU A 138 -1.63 9.63 -0.78
C LEU A 138 -2.25 9.20 -2.09
N LYS A 139 -2.68 10.15 -2.93
CA LYS A 139 -3.31 9.86 -4.21
C LYS A 139 -2.42 9.01 -5.10
N SER A 140 -1.15 9.41 -5.24
CA SER A 140 -0.22 8.66 -6.08
C SER A 140 0.38 7.41 -5.42
N SER A 141 0.48 7.30 -4.07
CA SER A 141 1.08 6.08 -3.50
C SER A 141 0.11 5.05 -2.94
N ALA A 142 -1.17 5.43 -2.67
CA ALA A 142 -2.18 4.53 -2.07
C ALA A 142 -2.14 3.08 -2.58
N ILE A 143 -2.23 2.86 -3.92
CA ILE A 143 -2.23 1.54 -4.56
C ILE A 143 -0.95 0.75 -4.27
N GLU A 144 0.20 1.45 -4.18
CA GLU A 144 1.48 0.81 -3.89
C GLU A 144 1.49 0.31 -2.44
N ILE A 145 0.88 1.08 -1.50
CA ILE A 145 0.81 0.69 -0.09
C ILE A 145 -0.14 -0.50 0.06
N ILE A 146 -1.25 -0.51 -0.73
CA ILE A 146 -2.20 -1.62 -0.77
C ILE A 146 -1.42 -2.88 -1.20
N MET A 147 -0.67 -2.81 -2.30
CA MET A 147 0.15 -3.91 -2.81
C MET A 147 1.14 -4.42 -1.78
N LEU A 148 1.83 -3.50 -1.06
CA LEU A 148 2.82 -3.84 -0.02
C LEU A 148 2.21 -4.52 1.18
N ARG A 149 1.13 -3.95 1.71
CA ARG A 149 0.47 -4.42 2.92
C ARG A 149 -0.26 -5.72 2.70
N SER A 150 -0.74 -5.95 1.45
CA SER A 150 -1.39 -7.20 1.06
C SER A 150 -0.43 -8.41 1.21
N ASN A 151 0.89 -8.19 1.16
CA ASN A 151 1.88 -9.26 1.33
C ASN A 151 1.69 -10.03 2.64
N GLN A 152 1.23 -9.33 3.71
CA GLN A 152 0.94 -9.94 5.01
C GLN A 152 -0.12 -11.07 4.89
N SER A 153 -1.09 -10.95 3.94
CA SER A 153 -2.07 -12.03 3.71
C SER A 153 -1.66 -12.98 2.57
N PHE A 154 -0.67 -12.59 1.73
CA PHE A 154 -0.23 -13.43 0.63
C PHE A 154 0.51 -14.66 1.22
N SER A 155 0.22 -15.86 0.67
CA SER A 155 0.80 -17.14 1.08
C SER A 155 1.48 -17.79 -0.11
N LEU A 156 2.72 -18.27 0.10
CA LEU A 156 3.49 -18.92 -0.97
C LEU A 156 2.92 -20.28 -1.33
N GLU A 157 2.38 -21.00 -0.32
CA GLU A 157 1.74 -22.31 -0.44
C GLU A 157 0.64 -22.31 -1.51
N ASP A 158 -0.43 -21.50 -1.31
CA ASP A 158 -1.57 -21.47 -2.23
C ASP A 158 -1.49 -20.42 -3.34
N MET A 159 -0.50 -19.49 -3.29
CA MET A 159 -0.29 -18.41 -4.30
C MET A 159 -1.49 -17.47 -4.37
N SER A 160 -2.09 -17.25 -3.21
CA SER A 160 -3.27 -16.44 -3.03
C SER A 160 -3.17 -15.64 -1.72
N TRP A 161 -4.12 -14.70 -1.53
CA TRP A 161 -4.25 -13.88 -0.33
C TRP A 161 -5.29 -14.57 0.52
N SER A 162 -4.94 -14.91 1.77
CA SER A 162 -5.87 -15.60 2.66
C SER A 162 -6.26 -14.69 3.82
N CYS A 163 -7.50 -14.16 3.78
CA CYS A 163 -7.98 -13.18 4.77
C CYS A 163 -9.14 -13.67 5.64
N GLY A 164 -8.85 -14.59 6.54
CA GLY A 164 -9.92 -15.06 7.40
C GLY A 164 -10.53 -16.37 6.96
N GLY A 165 -11.86 -16.37 6.81
CA GLY A 165 -12.61 -17.56 6.42
C GLY A 165 -12.33 -18.08 5.02
N PRO A 166 -13.12 -19.11 4.59
CA PRO A 166 -12.96 -19.65 3.23
C PRO A 166 -13.44 -18.70 2.12
N ASP A 167 -14.35 -17.75 2.47
CA ASP A 167 -14.86 -16.79 1.48
C ASP A 167 -13.86 -15.69 1.14
N PHE A 168 -12.88 -15.41 2.05
CA PHE A 168 -11.86 -14.39 1.84
C PHE A 168 -10.49 -15.01 1.55
N LYS A 169 -10.51 -16.16 0.90
CA LYS A 169 -9.32 -16.77 0.36
C LYS A 169 -9.44 -16.38 -1.13
N TYR A 170 -8.61 -15.42 -1.56
CA TYR A 170 -8.65 -14.83 -2.89
C TYR A 170 -7.62 -15.33 -3.89
N CYS A 171 -8.05 -16.02 -4.96
CA CYS A 171 -7.09 -16.41 -5.99
C CYS A 171 -6.93 -15.27 -7.02
N ILE A 172 -5.93 -15.41 -7.90
CA ILE A 172 -5.59 -14.44 -8.95
C ILE A 172 -6.78 -14.24 -9.94
N ASN A 173 -7.61 -15.28 -10.16
CA ASN A 173 -8.77 -15.22 -11.04
C ASN A 173 -9.84 -14.25 -10.51
N ASP A 174 -9.87 -13.99 -9.18
CA ASP A 174 -10.83 -13.08 -8.54
C ASP A 174 -10.64 -11.67 -9.04
N VAL A 175 -9.37 -11.19 -9.09
CA VAL A 175 -8.98 -9.87 -9.59
C VAL A 175 -9.41 -9.74 -11.07
N THR A 176 -9.33 -10.86 -11.81
CA THR A 176 -9.77 -10.98 -13.21
C THR A 176 -11.27 -10.70 -13.30
N LYS A 177 -12.05 -11.29 -12.38
CA LYS A 177 -13.51 -11.16 -12.27
C LYS A 177 -13.90 -9.80 -11.65
N ALA A 178 -12.93 -8.87 -11.50
CA ALA A 178 -13.12 -7.55 -10.91
C ALA A 178 -12.66 -6.44 -11.86
N GLY A 179 -12.54 -6.75 -13.16
CA GLY A 179 -12.16 -5.78 -14.18
C GLY A 179 -10.69 -5.67 -14.55
N HIS A 180 -9.81 -6.52 -13.96
CA HIS A 180 -8.37 -6.49 -14.27
C HIS A 180 -7.92 -7.66 -15.13
N THR A 181 -6.81 -7.44 -15.86
CA THR A 181 -6.25 -8.38 -16.82
C THR A 181 -4.94 -9.00 -16.30
N LEU A 182 -4.46 -10.03 -17.02
CA LEU A 182 -3.22 -10.75 -16.68
C LEU A 182 -1.99 -9.86 -16.81
N GLU A 183 -2.13 -8.66 -17.46
CA GLU A 183 -1.05 -7.68 -17.64
C GLU A 183 -0.70 -7.09 -16.27
N LEU A 184 -1.68 -7.06 -15.36
CA LEU A 184 -1.50 -6.59 -14.00
C LEU A 184 -1.25 -7.75 -13.07
N LEU A 185 -2.03 -8.83 -13.21
CA LEU A 185 -1.91 -9.99 -12.33
C LEU A 185 -0.63 -10.79 -12.47
N GLU A 186 -0.02 -10.87 -13.68
CA GLU A 186 1.26 -11.56 -13.87
C GLU A 186 2.30 -10.89 -12.94
N PRO A 187 2.57 -9.55 -13.07
CA PRO A 187 3.55 -8.92 -12.19
C PRO A 187 3.08 -8.72 -10.75
N LEU A 188 1.78 -8.63 -10.47
CA LEU A 188 1.33 -8.49 -9.07
C LEU A 188 1.76 -9.73 -8.27
N VAL A 189 1.48 -10.94 -8.81
CA VAL A 189 1.77 -12.22 -8.17
C VAL A 189 3.29 -12.41 -8.06
N LYS A 190 4.01 -12.17 -9.17
CA LYS A 190 5.48 -12.23 -9.23
C LYS A 190 6.07 -11.28 -8.15
N PHE A 191 5.52 -10.03 -8.03
CA PHE A 191 5.93 -9.06 -7.02
C PHE A 191 5.69 -9.59 -5.61
N GLN A 192 4.53 -10.23 -5.38
CA GLN A 192 4.21 -10.81 -4.08
C GLN A 192 5.14 -11.97 -3.70
N VAL A 193 5.42 -12.89 -4.66
CA VAL A 193 6.31 -14.04 -4.45
C VAL A 193 7.72 -13.55 -4.09
N GLY A 194 8.21 -12.58 -4.87
CA GLY A 194 9.50 -11.95 -4.67
C GLY A 194 9.60 -11.27 -3.32
N LEU A 195 8.58 -10.48 -2.95
CA LEU A 195 8.52 -9.80 -1.65
C LEU A 195 8.39 -10.78 -0.49
N LYS A 196 7.60 -11.85 -0.65
CA LYS A 196 7.43 -12.88 0.39
C LYS A 196 8.71 -13.57 0.70
N LYS A 197 9.53 -13.87 -0.32
CA LYS A 197 10.82 -14.57 -0.19
C LYS A 197 11.87 -13.76 0.57
N LEU A 198 11.77 -12.43 0.58
CA LEU A 198 12.67 -11.53 1.33
C LEU A 198 12.52 -11.72 2.84
N LYS A 199 11.42 -12.40 3.30
CA LYS A 199 11.14 -12.72 4.71
C LYS A 199 11.47 -11.51 5.58
N LEU A 200 10.88 -10.38 5.20
CA LEU A 200 11.09 -9.09 5.85
C LEU A 200 10.69 -9.11 7.31
N HIS A 201 11.44 -8.37 8.13
CA HIS A 201 11.05 -8.20 9.53
C HIS A 201 9.89 -7.22 9.50
N GLU A 202 9.06 -7.24 10.55
CA GLU A 202 7.92 -6.34 10.66
C GLU A 202 8.41 -4.88 10.55
N GLU A 203 9.58 -4.56 11.16
CA GLU A 203 10.26 -3.26 11.15
C GLU A 203 10.61 -2.83 9.74
N GLU A 204 11.07 -3.74 8.88
CA GLU A 204 11.46 -3.48 7.50
C GLU A 204 10.25 -3.31 6.62
N HIS A 205 9.24 -4.16 6.83
CA HIS A 205 8.00 -4.14 6.09
C HIS A 205 7.30 -2.78 6.25
N VAL A 206 7.21 -2.32 7.51
CA VAL A 206 6.58 -1.09 7.94
C VAL A 206 7.42 0.12 7.47
N LEU A 207 8.77 0.00 7.48
CA LEU A 207 9.68 1.05 7.04
C LEU A 207 9.57 1.25 5.52
N LEU A 208 9.55 0.14 4.75
CA LEU A 208 9.41 0.14 3.29
C LEU A 208 8.14 0.88 2.85
N MET A 209 7.02 0.64 3.55
CA MET A 209 5.73 1.30 3.26
C MET A 209 5.82 2.80 3.50
N ALA A 210 6.55 3.22 4.54
CA ALA A 210 6.72 4.64 4.87
C ALA A 210 7.68 5.33 3.86
N ILE A 211 8.70 4.59 3.34
CA ILE A 211 9.63 5.10 2.31
C ILE A 211 8.79 5.37 1.04
N CYS A 212 7.97 4.39 0.65
CA CYS A 212 7.10 4.41 -0.50
C CYS A 212 6.16 5.62 -0.48
N LEU A 213 5.43 5.80 0.64
CA LEU A 213 4.49 6.89 0.92
C LEU A 213 5.21 8.28 0.88
N LEU A 214 6.45 8.34 1.38
CA LEU A 214 7.23 9.58 1.41
C LEU A 214 8.17 9.79 0.22
N SER A 215 7.85 9.21 -0.96
CA SER A 215 8.60 9.40 -2.20
C SER A 215 8.32 10.82 -2.71
N PRO A 216 9.29 11.75 -2.77
CA PRO A 216 8.97 13.10 -3.26
C PRO A 216 8.68 13.19 -4.78
N ASP A 217 9.12 12.18 -5.55
CA ASP A 217 8.91 12.05 -6.99
C ASP A 217 7.48 11.59 -7.32
N ARG A 218 6.50 12.33 -6.82
CA ARG A 218 5.10 12.04 -7.08
C ARG A 218 4.48 13.21 -7.84
N PRO A 219 3.57 12.96 -8.80
CA PRO A 219 2.89 14.09 -9.45
C PRO A 219 2.03 14.84 -8.41
N GLY A 220 2.21 16.15 -8.33
CA GLY A 220 1.42 17.00 -7.46
C GLY A 220 2.12 17.60 -6.25
N VAL A 221 3.25 17.00 -5.82
CA VAL A 221 4.01 17.46 -4.64
C VAL A 221 4.58 18.88 -4.84
N GLN A 222 4.51 19.70 -3.77
CA GLN A 222 5.00 21.06 -3.72
C GLN A 222 6.32 21.11 -2.92
N ASP A 223 6.29 20.98 -1.57
CA ASP A 223 7.48 21.02 -0.72
C ASP A 223 8.24 19.69 -0.77
N HIS A 224 8.74 19.37 -1.96
CA HIS A 224 9.43 18.12 -2.24
C HIS A 224 10.83 18.07 -1.57
N VAL A 225 11.40 19.23 -1.18
CA VAL A 225 12.67 19.32 -0.47
C VAL A 225 12.51 18.77 0.97
N ARG A 226 11.40 19.10 1.63
CA ARG A 226 11.05 18.62 2.98
C ARG A 226 10.74 17.12 2.96
N ILE A 227 9.98 16.67 1.93
CA ILE A 227 9.58 15.27 1.74
C ILE A 227 10.82 14.39 1.50
N GLU A 228 11.74 14.82 0.60
CA GLU A 228 12.99 14.09 0.33
C GLU A 228 13.80 13.94 1.61
N ALA A 229 13.77 14.95 2.50
CA ALA A 229 14.48 14.90 3.79
C ALA A 229 13.87 13.82 4.69
N LEU A 230 12.52 13.78 4.79
CA LEU A 230 11.78 12.80 5.58
C LEU A 230 12.10 11.37 5.13
N GLN A 231 12.03 11.12 3.81
CA GLN A 231 12.32 9.82 3.21
C GLN A 231 13.76 9.34 3.46
N ASP A 232 14.75 10.21 3.23
CA ASP A 232 16.16 9.90 3.44
C ASP A 232 16.41 9.54 4.89
N ARG A 233 15.79 10.27 5.83
CA ARG A 233 15.89 10.03 7.27
C ARG A 233 15.36 8.61 7.60
N LEU A 234 14.30 8.17 6.91
CA LEU A 234 13.66 6.86 7.03
C LEU A 234 14.51 5.74 6.40
N CYS A 235 15.18 6.03 5.27
CA CYS A 235 16.10 5.11 4.60
C CYS A 235 17.33 4.87 5.45
N ASP A 236 17.79 5.89 6.18
CA ASP A 236 18.96 5.77 7.07
C ASP A 236 18.60 4.75 8.14
N VAL A 237 17.34 4.84 8.66
CA VAL A 237 16.81 3.94 9.68
C VAL A 237 16.80 2.49 9.15
N LEU A 238 16.20 2.26 7.95
CA LEU A 238 16.16 0.95 7.30
C LEU A 238 17.55 0.32 7.09
N GLN A 239 18.45 1.06 6.44
CA GLN A 239 19.81 0.64 6.08
C GLN A 239 20.57 0.16 7.31
N ALA A 240 20.39 0.88 8.43
CA ALA A 240 21.01 0.61 9.71
C ALA A 240 20.32 -0.59 10.34
N TYR A 241 18.97 -0.60 10.38
CA TYR A 241 18.21 -1.72 10.93
C TYR A 241 18.73 -3.05 10.35
N ILE A 242 18.84 -3.12 8.99
CA ILE A 242 19.32 -4.31 8.28
C ILE A 242 20.75 -4.64 8.72
N ARG A 243 21.65 -3.65 8.67
CA ARG A 243 23.06 -3.76 9.06
C ARG A 243 23.21 -4.44 10.45
N ILE A 244 22.57 -3.85 11.48
CA ILE A 244 22.63 -4.24 12.89
C ILE A 244 21.75 -5.44 13.26
N GLN A 245 20.49 -5.43 12.84
CA GLN A 245 19.51 -6.43 13.25
C GLN A 245 19.19 -7.53 12.25
N HIS A 246 19.65 -7.45 10.99
CA HIS A 246 19.30 -8.51 10.04
C HIS A 246 20.50 -9.34 9.60
N PRO A 247 20.64 -10.60 10.10
CA PRO A 247 21.80 -11.42 9.71
C PRO A 247 21.68 -11.91 8.27
N GLY A 248 22.68 -11.54 7.46
CA GLY A 248 22.71 -11.85 6.05
C GLY A 248 21.82 -10.94 5.23
N GLY A 249 21.86 -9.65 5.55
CA GLY A 249 21.09 -8.64 4.87
C GLY A 249 21.96 -7.73 4.03
N ARG A 250 23.15 -8.25 3.65
CA ARG A 250 24.16 -7.60 2.83
C ARG A 250 23.57 -6.99 1.55
N LEU A 251 22.64 -7.72 0.90
CA LEU A 251 22.02 -7.28 -0.35
C LEU A 251 20.58 -6.80 -0.19
N LEU A 252 19.98 -6.95 1.02
CA LEU A 252 18.58 -6.64 1.32
C LEU A 252 18.10 -5.22 1.01
N TYR A 253 18.77 -4.18 1.56
CA TYR A 253 18.40 -2.79 1.32
C TYR A 253 18.20 -2.51 -0.17
N ALA A 254 19.17 -2.92 -1.02
CA ALA A 254 19.12 -2.81 -2.48
C ALA A 254 17.94 -3.58 -3.04
N LYS A 255 17.74 -4.84 -2.54
CA LYS A 255 16.64 -5.72 -2.97
C LYS A 255 15.30 -5.09 -2.70
N MET A 256 15.18 -4.35 -1.56
CA MET A 256 13.97 -3.63 -1.13
C MET A 256 13.76 -2.36 -1.95
N ILE A 257 14.85 -1.61 -2.25
CA ILE A 257 14.80 -0.39 -3.06
C ILE A 257 14.33 -0.75 -4.50
N GLN A 258 14.72 -1.94 -4.98
CA GLN A 258 14.29 -2.46 -6.27
C GLN A 258 12.80 -2.78 -6.21
N LYS A 259 12.29 -3.24 -5.04
CA LYS A 259 10.87 -3.52 -4.89
C LYS A 259 10.05 -2.26 -5.04
N LEU A 260 10.61 -1.08 -4.71
CA LEU A 260 9.94 0.21 -4.89
C LEU A 260 9.82 0.56 -6.38
N ALA A 261 10.78 0.13 -7.21
CA ALA A 261 10.78 0.33 -8.67
C ALA A 261 9.68 -0.52 -9.31
N ASP A 262 9.51 -1.77 -8.84
CA ASP A 262 8.46 -2.67 -9.30
C ASP A 262 7.08 -2.08 -9.04
N LEU A 263 6.91 -1.43 -7.87
CA LEU A 263 5.66 -0.79 -7.46
C LEU A 263 5.23 0.32 -8.40
N ARG A 264 6.19 1.02 -8.99
CA ARG A 264 5.94 2.11 -9.94
C ARG A 264 5.30 1.62 -11.23
N SER A 265 5.82 0.51 -11.79
CA SER A 265 5.31 -0.10 -13.03
C SER A 265 3.96 -0.77 -12.75
N LEU A 266 3.80 -1.35 -11.55
CA LEU A 266 2.54 -1.93 -11.11
C LEU A 266 1.50 -0.82 -10.89
N ASN A 267 1.96 0.35 -10.41
CA ASN A 267 1.10 1.51 -10.21
C ASN A 267 0.58 1.93 -11.56
N GLU A 268 1.50 1.98 -12.54
CA GLU A 268 1.25 2.38 -13.91
C GLU A 268 0.22 1.50 -14.61
N GLU A 269 0.37 0.16 -14.47
CA GLU A 269 -0.53 -0.85 -15.06
C GLU A 269 -1.92 -0.74 -14.43
N HIS A 270 -1.99 -0.70 -13.09
CA HIS A 270 -3.25 -0.52 -12.40
C HIS A 270 -3.97 0.76 -12.87
N SER A 271 -3.25 1.89 -12.97
CA SER A 271 -3.78 3.17 -13.42
C SER A 271 -4.45 3.12 -14.80
N LYS A 272 -3.80 2.44 -15.75
CA LYS A 272 -4.35 2.27 -17.10
C LYS A 272 -5.65 1.51 -17.00
N GLN A 273 -5.59 0.35 -16.36
CA GLN A 273 -6.70 -0.58 -16.19
C GLN A 273 -7.87 0.00 -15.44
N TYR A 274 -7.58 0.80 -14.40
CA TYR A 274 -8.57 1.53 -13.61
C TYR A 274 -9.25 2.62 -14.45
N ARG A 275 -8.53 3.33 -15.33
CA ARG A 275 -9.05 4.41 -16.19
C ARG A 275 -10.15 3.83 -17.10
N SER A 276 -9.84 2.67 -17.73
CA SER A 276 -10.72 1.90 -18.60
C SER A 276 -11.99 1.51 -17.86
N LEU A 277 -11.84 1.04 -16.61
CA LEU A 277 -12.91 0.63 -15.70
C LEU A 277 -13.76 1.81 -15.30
N SER A 278 -13.16 2.88 -14.74
CA SER A 278 -13.82 4.10 -14.28
C SER A 278 -14.55 4.90 -15.40
N PHE A 279 -14.20 4.66 -16.68
CA PHE A 279 -14.79 5.34 -17.84
C PHE A 279 -16.09 4.71 -18.29
N GLN A 280 -16.41 3.52 -17.73
CA GLN A 280 -17.64 2.78 -18.02
C GLN A 280 -18.59 3.02 -16.81
N PRO A 281 -19.60 3.93 -16.94
CA PRO A 281 -20.50 4.22 -15.80
C PRO A 281 -21.13 3.02 -15.13
N GLU A 282 -21.48 1.98 -15.90
CA GLU A 282 -22.03 0.71 -15.42
C GLU A 282 -21.05 0.01 -14.43
N HIS A 283 -19.74 0.29 -14.54
CA HIS A 283 -18.71 -0.23 -13.64
C HIS A 283 -18.32 0.75 -12.55
N SER A 284 -18.05 2.03 -12.92
CA SER A 284 -17.70 3.07 -11.95
C SER A 284 -18.73 3.22 -10.80
N MET A 285 -20.03 2.94 -11.10
CA MET A 285 -21.12 2.97 -10.13
C MET A 285 -20.95 1.90 -9.03
N GLN A 286 -20.20 0.82 -9.33
CA GLN A 286 -19.92 -0.28 -8.40
C GLN A 286 -18.78 0.07 -7.47
N LEU A 287 -18.06 1.18 -7.75
CA LEU A 287 -16.93 1.63 -6.92
C LEU A 287 -17.45 2.45 -5.74
N THR A 288 -16.59 2.84 -4.80
CA THR A 288 -17.02 3.64 -3.64
C THR A 288 -16.61 5.10 -3.85
N PRO A 289 -17.26 6.07 -3.16
CA PRO A 289 -16.84 7.49 -3.27
C PRO A 289 -15.36 7.76 -2.95
N LEU A 290 -14.77 7.08 -1.94
CA LEU A 290 -13.35 7.24 -1.56
C LEU A 290 -12.42 6.74 -2.68
N VAL A 291 -12.69 5.52 -3.24
CA VAL A 291 -11.94 4.92 -4.36
C VAL A 291 -11.96 5.88 -5.56
N LEU A 292 -13.15 6.41 -5.89
CA LEU A 292 -13.30 7.36 -7.01
C LEU A 292 -12.42 8.61 -6.81
N GLU A 293 -12.41 9.13 -5.59
CA GLU A 293 -11.69 10.33 -5.19
C GLU A 293 -10.18 10.12 -5.18
N VAL A 294 -9.73 9.02 -4.56
CA VAL A 294 -8.32 8.68 -4.45
C VAL A 294 -7.69 8.25 -5.78
N PHE A 295 -8.39 7.41 -6.58
CA PHE A 295 -7.89 6.93 -7.87
C PHE A 295 -8.29 7.83 -9.02
N GLY A 296 -9.08 8.85 -8.73
CA GLY A 296 -9.54 9.82 -9.70
C GLY A 296 -8.48 10.79 -10.10
N SER A 297 -8.78 11.64 -11.10
CA SER A 297 -7.82 12.58 -11.66
C SER A 297 -8.02 14.08 -11.29
N GLU A 298 -8.81 14.42 -10.24
CA GLU A 298 -9.00 15.82 -9.80
C GLU A 298 -7.68 16.35 -9.16
N VAL A 299 -7.45 17.69 -9.20
CA VAL A 299 -6.23 18.33 -8.69
C VAL A 299 -6.47 19.20 -7.44
N HIS B 2 -11.44 16.94 -3.26
CA HIS B 2 -10.95 15.90 -2.32
C HIS B 2 -11.61 15.95 -0.90
N LYS B 3 -12.91 16.19 -0.86
CA LYS B 3 -13.72 16.34 0.35
C LYS B 3 -13.42 15.26 1.41
N ILE B 4 -13.56 13.97 1.05
CA ILE B 4 -13.37 12.80 1.93
C ILE B 4 -11.94 12.70 2.48
N LEU B 5 -10.93 12.84 1.60
CA LEU B 5 -9.51 12.78 1.95
C LEU B 5 -9.17 13.84 3.00
N HIS B 6 -9.67 15.06 2.79
CA HIS B 6 -9.54 16.19 3.70
C HIS B 6 -10.08 15.84 5.07
N ARG B 7 -11.34 15.36 5.13
CA ARG B 7 -11.96 14.91 6.38
C ARG B 7 -11.17 13.78 7.02
N LEU B 8 -10.86 12.72 6.25
CA LEU B 8 -10.12 11.59 6.77
C LEU B 8 -8.76 11.98 7.34
N LEU B 9 -8.14 13.06 6.81
CA LEU B 9 -6.85 13.56 7.32
C LEU B 9 -7.03 14.49 8.56
N GLN B 10 -8.27 14.54 9.12
CA GLN B 10 -8.79 15.35 10.23
C GLN B 10 -8.96 16.79 9.77
#